data_8R4E
#
_entry.id   8R4E
#
_entity_poly.entity_id   1
_entity_poly.type   'polydeoxyribonucleotide'
_entity_poly.pdbx_seq_one_letter_code
;(DG)(DC)(DG)(DT)(DG)(DG)(DG)(DT)(DC)(DA)(DG)(DG)(DG)(DT)(DT)(DG)(DG)(DG)(DT)(DT)
(DG)(DG)(DG)(DA)(DC)(DG)(DC)
;
_entity_poly.pdbx_strand_id   A
#